data_4DRN
#
_entry.id   4DRN
#
_cell.length_a   49.270
_cell.length_b   52.537
_cell.length_c   57.018
_cell.angle_alpha   90.000
_cell.angle_beta   90.000
_cell.angle_gamma   90.000
#
_symmetry.space_group_name_H-M   'P 21 21 21'
#
loop_
_entity.id
_entity.type
_entity.pdbx_description
1 polymer 'Peptidyl-prolyl cis-trans isomerase FKBP5'
2 non-polymer '{3-[(1R)-3-(3,4-dimethoxyphenyl)-1-({[(2S)-1-{[(1S,2R)-2-ethyl-1-hydroxycyclohexyl](oxo)acetyl}piperidin-2-yl]carbonyl}oxy)propyl]phenoxy}acetic acid'
3 water water
#
_entity_poly.entity_id   1
_entity_poly.type   'polypeptide(L)'
_entity_poly.pdbx_seq_one_letter_code
;GAPATVTEQGEDITSKKDRGVLKIVKRVGNGEETPMIGDKVYVHYKGKLSNGKKFDSSHDRNEPFVFSLGKGQVIKAWDI
GVATMKKGEICHLLCKPEYAYGSAGSLPKIPSNATLFFEIELLDFKGE
;
_entity_poly.pdbx_strand_id   A
#
loop_
_chem_comp.id
_chem_comp.type
_chem_comp.name
_chem_comp.formula
0MC non-polymer '{3-[(1R)-3-(3,4-dimethoxyphenyl)-1-({[(2S)-1-{[(1S,2R)-2-ethyl-1-hydroxycyclohexyl](oxo)acetyl}piperidin-2-yl]carbonyl}oxy)propyl]phenoxy}acetic acid' 'C35 H45 N O10'
#
# COMPACT_ATOMS: atom_id res chain seq x y z
N GLY A 1 9.79 3.39 -14.58
CA GLY A 1 10.01 3.85 -13.18
C GLY A 1 9.51 2.81 -12.21
N ALA A 2 9.34 3.21 -10.97
CA ALA A 2 8.99 2.24 -9.94
C ALA A 2 7.69 1.50 -10.24
N PRO A 3 6.63 2.19 -10.71
CA PRO A 3 5.41 1.44 -11.01
C PRO A 3 5.60 0.34 -12.06
N ALA A 4 6.32 0.63 -13.15
CA ALA A 4 6.58 -0.38 -14.17
C ALA A 4 7.37 -1.55 -13.61
N THR A 5 8.32 -1.26 -12.72
CA THR A 5 9.10 -2.33 -12.11
C THR A 5 8.17 -3.26 -11.32
N VAL A 6 7.18 -2.71 -10.61
CA VAL A 6 6.24 -3.54 -9.90
C VAL A 6 5.39 -4.37 -10.87
N THR A 7 4.93 -3.78 -11.97
CA THR A 7 4.23 -4.57 -12.98
C THR A 7 5.05 -5.78 -13.40
N GLU A 8 6.34 -5.56 -13.66
CA GLU A 8 7.18 -6.59 -14.24
C GLU A 8 7.68 -7.62 -13.24
N GLN A 9 7.92 -7.19 -12.00
CA GLN A 9 8.60 -8.01 -11.02
C GLN A 9 7.82 -8.25 -9.73
N GLY A 10 6.72 -7.53 -9.54
CA GLY A 10 5.98 -7.65 -8.28
C GLY A 10 5.30 -8.98 -8.12
N GLU A 11 5.25 -9.42 -6.88
CA GLU A 11 4.53 -10.61 -6.45
C GLU A 11 3.04 -10.29 -6.33
N ASP A 12 2.22 -11.19 -6.83
CA ASP A 12 0.77 -11.07 -6.69
C ASP A 12 0.39 -11.58 -5.31
N ILE A 13 0.00 -10.66 -4.45
CA ILE A 13 -0.31 -11.00 -3.05
C ILE A 13 -1.80 -11.07 -2.78
N THR A 14 -2.61 -11.06 -3.83
CA THR A 14 -4.04 -11.18 -3.69
C THR A 14 -4.44 -12.61 -3.44
N SER A 15 -5.51 -12.78 -2.70
CA SER A 15 -6.11 -14.09 -2.48
C SER A 15 -6.64 -14.67 -3.80
N LYS A 16 -7.24 -13.83 -4.65
N LYS A 16 -7.23 -13.83 -4.65
CA LYS A 16 -7.79 -14.28 -5.93
CA LYS A 16 -7.79 -14.28 -5.92
C LYS A 16 -6.75 -14.50 -7.03
C LYS A 16 -6.74 -14.55 -7.00
N LYS A 17 -5.51 -14.07 -6.79
CA LYS A 17 -4.45 -14.13 -7.81
C LYS A 17 -4.90 -13.45 -9.10
N ASP A 18 -5.39 -12.22 -8.94
CA ASP A 18 -5.88 -11.43 -10.05
C ASP A 18 -4.97 -10.24 -10.37
N ARG A 19 -3.77 -10.28 -9.84
CA ARG A 19 -2.77 -9.21 -9.99
C ARG A 19 -3.28 -7.85 -9.49
N GLY A 20 -4.31 -7.86 -8.66
CA GLY A 20 -4.89 -6.59 -8.18
C GLY A 20 -3.99 -5.80 -7.25
N VAL A 21 -3.12 -6.51 -6.56
CA VAL A 21 -2.15 -5.93 -5.64
C VAL A 21 -0.84 -6.66 -5.87
N LEU A 22 0.14 -5.92 -6.38
CA LEU A 22 1.47 -6.44 -6.71
C LEU A 22 2.47 -5.77 -5.79
N LYS A 23 3.46 -6.54 -5.33
CA LYS A 23 4.35 -6.07 -4.29
C LYS A 23 5.82 -6.37 -4.61
N ILE A 24 6.70 -5.40 -4.36
CA ILE A 24 8.13 -5.65 -4.28
C ILE A 24 8.63 -5.20 -2.92
N VAL A 25 9.38 -6.05 -2.23
CA VAL A 25 10.11 -5.65 -1.06
C VAL A 25 11.35 -4.89 -1.48
N LYS A 26 11.44 -3.62 -1.09
CA LYS A 26 12.56 -2.74 -1.41
C LYS A 26 13.61 -2.68 -0.30
N ARG A 27 13.19 -2.87 0.95
CA ARG A 27 14.10 -2.98 2.08
C ARG A 27 13.52 -4.02 3.00
N VAL A 28 14.29 -5.06 3.30
CA VAL A 28 13.85 -6.10 4.19
C VAL A 28 13.77 -5.56 5.60
N GLY A 29 12.67 -5.88 6.29
CA GLY A 29 12.52 -5.46 7.68
C GLY A 29 13.14 -6.47 8.62
N ASN A 30 13.59 -6.01 9.76
CA ASN A 30 14.16 -6.94 10.71
C ASN A 30 13.13 -7.56 11.66
N GLY A 31 11.91 -7.06 11.66
CA GLY A 31 10.86 -7.66 12.46
C GLY A 31 10.63 -9.10 12.03
N GLU A 32 10.35 -9.98 13.00
CA GLU A 32 10.19 -11.40 12.70
C GLU A 32 8.87 -11.79 12.08
N GLU A 33 7.78 -11.17 12.51
CA GLU A 33 6.43 -11.64 12.15
C GLU A 33 5.59 -10.51 11.60
N THR A 34 4.67 -10.88 10.72
CA THR A 34 3.72 -9.91 10.21
C THR A 34 2.75 -9.50 11.32
N PRO A 35 2.11 -8.31 11.19
CA PRO A 35 1.08 -7.94 12.16
C PRO A 35 -0.09 -8.92 12.14
N MET A 36 -0.81 -8.98 13.26
CA MET A 36 -2.09 -9.66 13.28
C MET A 36 -3.21 -8.68 12.89
N ILE A 37 -4.31 -9.24 12.50
CA ILE A 37 -5.53 -8.45 12.33
C ILE A 37 -5.91 -7.63 13.57
N GLY A 38 -6.33 -6.40 13.34
CA GLY A 38 -6.67 -5.46 14.38
C GLY A 38 -5.54 -4.73 15.01
N ASP A 39 -4.30 -5.16 14.71
CA ASP A 39 -3.17 -4.52 15.27
C ASP A 39 -3.14 -3.09 14.78
N LYS A 40 -2.68 -2.20 15.64
CA LYS A 40 -2.44 -0.80 15.31
C LYS A 40 -1.11 -0.71 14.57
N VAL A 41 -1.15 -0.25 13.33
CA VAL A 41 0.04 -0.14 12.51
C VAL A 41 0.37 1.32 12.29
N TYR A 42 1.67 1.58 12.16
CA TYR A 42 2.22 2.90 11.97
C TYR A 42 3.08 2.84 10.72
N VAL A 43 2.81 3.70 9.73
CA VAL A 43 3.56 3.68 8.48
C VAL A 43 3.92 5.08 8.01
N HIS A 44 4.91 5.13 7.14
CA HIS A 44 5.10 6.27 6.25
C HIS A 44 4.82 5.82 4.82
N TYR A 45 4.34 6.71 3.97
CA TYR A 45 4.05 6.31 2.62
C TYR A 45 4.21 7.47 1.63
N LYS A 46 4.36 7.06 0.38
N LYS A 46 4.40 7.13 0.36
CA LYS A 46 4.29 7.90 -0.82
CA LYS A 46 4.22 8.09 -0.75
C LYS A 46 3.21 7.31 -1.69
C LYS A 46 3.33 7.41 -1.79
N GLY A 47 2.31 8.14 -2.24
CA GLY A 47 1.35 7.67 -3.20
C GLY A 47 1.47 8.42 -4.50
N LYS A 48 1.41 7.66 -5.58
CA LYS A 48 1.44 8.19 -6.95
C LYS A 48 0.42 7.48 -7.83
N LEU A 49 -0.07 8.15 -8.85
CA LEU A 49 -0.77 7.45 -9.91
C LEU A 49 0.25 6.57 -10.64
N SER A 50 -0.24 5.60 -11.40
CA SER A 50 0.66 4.66 -12.06
C SER A 50 1.55 5.37 -13.09
N ASN A 51 1.12 6.54 -13.59
CA ASN A 51 1.96 7.33 -14.49
C ASN A 51 3.03 8.14 -13.77
N GLY A 52 3.17 7.96 -12.45
CA GLY A 52 4.18 8.66 -11.68
C GLY A 52 3.75 9.96 -11.01
N LYS A 53 2.54 10.45 -11.30
CA LYS A 53 2.09 11.70 -10.68
C LYS A 53 1.85 11.51 -9.17
N LYS A 54 2.58 12.23 -8.35
CA LYS A 54 2.44 12.18 -6.91
C LYS A 54 1.08 12.74 -6.52
N PHE A 55 0.43 12.07 -5.55
CA PHE A 55 -0.77 12.64 -4.91
C PHE A 55 -0.63 12.84 -3.41
N ASP A 56 0.30 12.18 -2.73
CA ASP A 56 0.44 12.41 -1.28
C ASP A 56 1.71 11.79 -0.77
N SER A 57 2.21 12.29 0.34
CA SER A 57 3.28 11.65 1.08
C SER A 57 3.17 12.04 2.53
N SER A 58 3.13 11.05 3.42
CA SER A 58 3.10 11.33 4.85
C SER A 58 4.34 12.10 5.32
N HIS A 59 5.45 11.98 4.60
N HIS A 59 5.44 11.92 4.57
CA HIS A 59 6.67 12.69 5.00
CA HIS A 59 6.73 12.58 4.83
C HIS A 59 6.59 14.17 4.81
C HIS A 59 6.68 14.11 4.68
N ASP A 60 5.71 14.62 3.93
CA ASP A 60 5.54 16.06 3.73
C ASP A 60 5.12 16.75 5.01
N ARG A 61 4.45 16.02 5.88
CA ARG A 61 3.88 16.58 7.08
C ARG A 61 4.46 15.95 8.34
N ASN A 62 5.56 15.24 8.17
CA ASN A 62 6.20 14.58 9.29
C ASN A 62 5.18 13.95 10.21
N GLU A 63 4.29 13.14 9.65
CA GLU A 63 3.22 12.54 10.42
C GLU A 63 3.05 11.08 10.02
N PRO A 64 3.47 10.11 10.87
CA PRO A 64 3.13 8.72 10.55
C PRO A 64 1.62 8.56 10.38
N PHE A 65 1.27 7.68 9.47
CA PHE A 65 -0.10 7.32 9.21
C PHE A 65 -0.43 6.07 10.00
N VAL A 66 -1.49 6.14 10.80
CA VAL A 66 -1.81 5.11 11.77
C VAL A 66 -3.20 4.57 11.53
N PHE A 67 -3.36 3.25 11.50
CA PHE A 67 -4.67 2.66 11.35
C PHE A 67 -4.67 1.25 11.94
N SER A 68 -5.86 0.66 12.09
CA SER A 68 -5.97 -0.70 12.56
C SER A 68 -6.13 -1.63 11.37
N LEU A 69 -5.23 -2.60 11.31
CA LEU A 69 -5.13 -3.48 10.15
C LEU A 69 -6.30 -4.40 9.98
N GLY A 70 -6.75 -4.55 8.76
CA GLY A 70 -7.71 -5.59 8.44
C GLY A 70 -9.11 -5.35 8.96
N LYS A 71 -9.48 -4.07 9.03
CA LYS A 71 -10.79 -3.64 9.50
C LYS A 71 -11.53 -2.79 8.47
N GLY A 72 -11.00 -2.64 7.27
CA GLY A 72 -11.61 -1.77 6.28
C GLY A 72 -11.46 -0.28 6.57
N GLN A 73 -10.42 0.11 7.28
CA GLN A 73 -10.16 1.52 7.57
C GLN A 73 -9.41 2.23 6.45
N VAL A 74 -8.89 1.46 5.50
CA VAL A 74 -8.11 1.94 4.36
C VAL A 74 -8.58 1.14 3.14
N ILE A 75 -8.14 1.57 1.97
CA ILE A 75 -8.46 0.85 0.74
C ILE A 75 -7.99 -0.61 0.85
N LYS A 76 -8.65 -1.47 0.10
CA LYS A 76 -8.40 -2.90 0.21
C LYS A 76 -6.93 -3.24 -0.03
N ALA A 77 -6.30 -2.59 -1.00
CA ALA A 77 -4.90 -2.90 -1.32
C ALA A 77 -3.98 -2.70 -0.13
N TRP A 78 -4.31 -1.73 0.74
CA TRP A 78 -3.50 -1.50 1.92
C TRP A 78 -3.75 -2.56 3.00
N ASP A 79 -4.98 -2.94 3.23
CA ASP A 79 -5.22 -4.03 4.19
C ASP A 79 -4.47 -5.29 3.70
N ILE A 80 -4.51 -5.55 2.40
CA ILE A 80 -3.82 -6.73 1.85
C ILE A 80 -2.30 -6.55 1.93
N GLY A 81 -1.79 -5.40 1.54
CA GLY A 81 -0.34 -5.21 1.47
C GLY A 81 0.31 -5.13 2.82
N VAL A 82 -0.24 -4.32 3.72
CA VAL A 82 0.40 -4.14 5.02
C VAL A 82 0.39 -5.46 5.81
N ALA A 83 -0.62 -6.30 5.60
CA ALA A 83 -0.70 -7.61 6.25
C ALA A 83 0.50 -8.51 5.91
N THR A 84 1.20 -8.21 4.81
CA THR A 84 2.34 -9.01 4.38
C THR A 84 3.69 -8.47 4.84
N MET A 85 3.70 -7.34 5.54
CA MET A 85 4.94 -6.64 5.86
C MET A 85 5.49 -7.00 7.23
N LYS A 86 6.82 -6.87 7.35
CA LYS A 86 7.52 -6.96 8.62
C LYS A 86 7.89 -5.59 9.10
N LYS A 87 8.03 -5.45 10.42
CA LYS A 87 8.50 -4.17 10.97
C LYS A 87 9.86 -3.80 10.38
N GLY A 88 9.99 -2.57 9.91
CA GLY A 88 11.19 -2.07 9.26
C GLY A 88 11.20 -2.22 7.75
N GLU A 89 10.24 -2.96 7.20
CA GLU A 89 10.19 -3.18 5.78
C GLU A 89 9.75 -1.94 5.01
N ILE A 90 10.34 -1.73 3.84
CA ILE A 90 9.78 -0.83 2.85
C ILE A 90 9.36 -1.66 1.64
N CYS A 91 8.14 -1.49 1.19
CA CYS A 91 7.69 -2.14 -0.04
C CYS A 91 7.13 -1.13 -1.02
N HIS A 92 7.01 -1.58 -2.26
CA HIS A 92 6.27 -0.90 -3.31
C HIS A 92 5.08 -1.76 -3.66
N LEU A 93 3.92 -1.10 -3.77
CA LEU A 93 2.66 -1.76 -4.14
C LEU A 93 2.09 -1.09 -5.36
N LEU A 94 1.58 -1.90 -6.27
CA LEU A 94 0.79 -1.40 -7.40
C LEU A 94 -0.60 -1.98 -7.27
N CYS A 95 -1.60 -1.10 -7.32
CA CYS A 95 -2.95 -1.40 -6.86
C CYS A 95 -3.93 -1.10 -7.95
N LYS A 96 -4.59 -2.13 -8.50
CA LYS A 96 -5.63 -1.91 -9.50
C LYS A 96 -6.83 -1.24 -8.85
N PRO A 97 -7.66 -0.56 -9.66
CA PRO A 97 -8.75 0.22 -9.09
C PRO A 97 -9.73 -0.55 -8.25
N GLU A 98 -9.95 -1.82 -8.57
N GLU A 98 -9.92 -1.83 -8.53
CA GLU A 98 -10.82 -2.69 -7.77
CA GLU A 98 -10.83 -2.67 -7.77
C GLU A 98 -10.39 -2.73 -6.31
C GLU A 98 -10.37 -2.85 -6.31
N TYR A 99 -9.09 -2.56 -6.06
CA TYR A 99 -8.53 -2.64 -4.72
C TYR A 99 -8.18 -1.26 -4.20
N ALA A 100 -8.70 -0.23 -4.85
CA ALA A 100 -8.41 1.15 -4.50
C ALA A 100 -9.71 1.95 -4.56
N TYR A 101 -9.83 2.94 -5.45
CA TYR A 101 -10.99 3.83 -5.45
C TYR A 101 -11.98 3.53 -6.58
N GLY A 102 -11.74 2.47 -7.35
CA GLY A 102 -12.75 2.00 -8.27
C GLY A 102 -13.14 3.02 -9.32
N SER A 103 -14.39 2.92 -9.74
CA SER A 103 -14.91 3.79 -10.79
C SER A 103 -15.12 5.22 -10.29
N ALA A 104 -15.38 5.39 -9.00
CA ALA A 104 -15.60 6.73 -8.48
C ALA A 104 -14.34 7.58 -8.44
N GLY A 105 -13.20 6.93 -8.18
CA GLY A 105 -11.99 7.65 -7.92
C GLY A 105 -12.04 8.41 -6.60
N SER A 106 -11.13 9.34 -6.46
CA SER A 106 -11.11 10.25 -5.32
C SER A 106 -10.68 11.61 -5.84
N LEU A 107 -11.63 12.29 -6.45
CA LEU A 107 -11.33 13.54 -7.11
C LEU A 107 -11.03 14.63 -6.09
N PRO A 108 -10.19 15.60 -6.45
CA PRO A 108 -9.57 15.81 -7.75
C PRO A 108 -8.33 14.98 -8.06
N LYS A 109 -7.66 14.44 -7.06
CA LYS A 109 -6.33 13.86 -7.31
C LYS A 109 -6.33 12.51 -7.98
N ILE A 110 -7.34 11.70 -7.71
CA ILE A 110 -7.34 10.33 -8.22
C ILE A 110 -8.53 10.14 -9.15
N PRO A 111 -8.24 9.94 -10.45
CA PRO A 111 -9.32 9.76 -11.39
C PRO A 111 -10.07 8.45 -11.24
N SER A 112 -11.19 8.35 -11.94
CA SER A 112 -11.89 7.11 -12.11
C SER A 112 -10.97 6.03 -12.68
N ASN A 113 -11.13 4.81 -12.16
N ASN A 113 -11.13 4.79 -12.21
CA ASN A 113 -10.44 3.63 -12.69
CA ASN A 113 -10.43 3.64 -12.78
C ASN A 113 -8.92 3.76 -12.69
C ASN A 113 -8.89 3.71 -12.67
N ALA A 114 -8.40 4.34 -11.62
CA ALA A 114 -6.95 4.58 -11.49
C ALA A 114 -6.23 3.42 -10.82
N THR A 115 -5.10 3.02 -11.39
CA THR A 115 -4.13 2.17 -10.72
C THR A 115 -3.20 3.04 -9.90
N LEU A 116 -2.99 2.67 -8.65
CA LEU A 116 -2.21 3.48 -7.73
C LEU A 116 -0.91 2.76 -7.36
N PHE A 117 0.13 3.55 -7.19
CA PHE A 117 1.41 3.10 -6.67
C PHE A 117 1.59 3.66 -5.26
N PHE A 118 2.05 2.82 -4.34
CA PHE A 118 2.48 3.31 -3.05
C PHE A 118 3.83 2.74 -2.67
N GLU A 119 4.64 3.57 -2.03
CA GLU A 119 5.77 3.08 -1.25
C GLU A 119 5.34 3.15 0.22
N ILE A 120 5.50 2.05 0.96
CA ILE A 120 5.06 1.98 2.34
C ILE A 120 6.23 1.49 3.19
N GLU A 121 6.48 2.18 4.29
CA GLU A 121 7.42 1.75 5.31
C GLU A 121 6.62 1.39 6.56
N LEU A 122 6.76 0.14 7.02
CA LEU A 122 6.11 -0.26 8.27
C LEU A 122 7.01 0.13 9.43
N LEU A 123 6.63 1.19 10.13
CA LEU A 123 7.42 1.70 11.23
C LEU A 123 7.30 0.88 12.48
N ASP A 124 6.10 0.43 12.78
CA ASP A 124 5.81 -0.26 14.01
C ASP A 124 4.42 -0.83 13.94
N PHE A 125 4.13 -1.76 14.83
CA PHE A 125 2.77 -2.18 15.05
C PHE A 125 2.65 -2.70 16.47
N LYS A 126 1.44 -2.65 16.99
CA LYS A 126 1.11 -3.06 18.36
C LYS A 126 -0.14 -3.93 18.36
N GLY A 127 -0.19 -4.92 19.25
CA GLY A 127 -1.28 -5.91 19.30
C GLY A 127 -2.64 -5.30 19.49
N GLU A 128 -3.66 -5.85 18.83
CA GLU A 128 -5.04 -5.38 18.97
C GLU A 128 -5.49 -5.37 20.43
CAA 0MC B . -6.88 10.88 -2.72
CAA 0MC B . -5.50 11.62 -2.64
CAQ 0MC B . -5.70 10.72 -1.77
CAQ 0MC B . -5.78 10.33 -1.87
CBQ 0MC B . -6.18 10.45 -0.37
CAX 0MC B . -7.08 11.65 0.04
CAS 0MC B . -7.54 11.50 1.51
CAU 0MC B . -6.33 11.44 2.43
CBB 0MC B . -5.42 10.27 2.03
CBT 0MC B . -4.98 10.37 0.56
OAI 0MC B . -4.16 11.53 0.37
CBJ 0MC B . -4.14 9.11 0.29
OAG 0MC B . -2.91 9.15 0.10
CBI 0MC B . -4.74 7.73 0.24
OAF 0MC B . -5.26 7.39 -0.81
N 0MC B . -4.66 6.92 1.31
CBA 0MC B . -4.06 7.33 2.59
CAT 0MC B . -3.05 6.29 3.08
CAR 0MC B . -3.71 4.92 3.10
CB 0MC B . -4.14 4.54 1.72
CA 0MC B . -5.20 5.55 1.18
C 0MC B . -6.49 5.36 1.93
O 0MC B . -6.95 4.26 2.12
OBF 0MC B . -7.09 6.48 2.31
CBP 0MC B . -8.35 6.34 3.05
CAZ 0MC B . -9.46 6.95 2.23
CAV 0MC B . -10.83 6.59 2.79
CBK 0MC B . -11.18 5.12 2.57
CAO 0MC B . -11.54 4.66 1.31
CAM 0MC B . -11.24 4.21 3.64
CAN 0MC B . -11.59 2.86 3.45
CBN 0MC B . -11.94 2.43 2.17
OBC 0MC B . -12.33 1.17 1.87
CAB 0MC B . -12.53 0.20 2.94
CBO 0MC B . -11.91 3.32 1.09
OBD 0MC B . -12.26 2.80 -0.11
CAC 0MC B . -12.34 3.68 -1.23
CBM 0MC B . -8.13 6.97 4.41
CAP 0MC B . -7.94 8.31 4.57
CAL 0MC B . -8.04 6.11 5.49
CAJ 0MC B . -7.84 6.53 6.77
CAK 0MC B . -7.68 7.89 6.94
CBL 0MC B . -7.72 8.76 5.86
OBE 0MC B . -7.64 10.08 6.04
CAW 0MC B . -7.54 10.54 7.37
CBG 0MC B . -8.76 10.42 8.29
OAH 0MC B . -8.51 10.64 9.50
OAD 0MC B . -9.92 10.11 7.85
#